data_3IZD
#
_entry.id   3IZD
#
_cell.length_a   1.000
_cell.length_b   1.000
_cell.length_c   1.000
_cell.angle_alpha   90.00
_cell.angle_beta   90.00
_cell.angle_gamma   90.00
#
_symmetry.space_group_name_H-M   'P 1'
#
_entity_poly.entity_id   1
_entity_poly.type   'polyribonucleotide'
_entity_poly.pdbx_seq_one_letter_code
;GGUCGGGUAGUGAGGGCCUUGGUCAGACGCAGCGGGCGUGCUUGUGGACUGCUUGGUGGGGCUUGCUCUGCUAGGCGGAC
UACUUGCGUGCCUUGUUGUAGACGGCCUUGGUAGGUCUCUUGUAGACCGUCGCUUGCUACAAUUAACGAUC
;
_entity_poly.pdbx_strand_id   A
#